data_2LHO
#
_entry.id   2LHO
#
loop_
_entity.id
_entity.type
_entity.pdbx_description
1 polymer "DNA (5'-D(*CP*GP*TP*TP*TP*CP*(LHO)P*TP*TP*CP*TP*C)-3')"
2 polymer "DNA (5'-D(*GP*AP*GP*AP*AP*(MM7)P*GP*AP*AP*AP*CP*G)-3')"
#
loop_
_entity_poly.entity_id
_entity_poly.type
_entity_poly.pdbx_seq_one_letter_code
_entity_poly.pdbx_strand_id
1 'polydeoxyribonucleotide' (DC)(DG)(DT)(DT)(DT)(DC)(LHO)(DT)(DT)(DC)(DT)(DC) A
2 'polydeoxyribonucleotide' (DG)(DA)(DG)(DA)(DA)(MM7)(DG)(DA)(DA)(DA)(DC)(DG) B
#